data_7OKI
#
_entry.id   7OKI
#
_cell.length_a   67.900
_cell.length_b   67.900
_cell.length_c   166.030
_cell.angle_alpha   90.000
_cell.angle_beta   90.000
_cell.angle_gamma   120.000
#
_symmetry.space_group_name_H-M   'P 61 2 2'
#
loop_
_entity.id
_entity.type
_entity.pdbx_description
1 polymer 'B-cell lymphoma 6 protein'
2 polymer ALA-TRP-VAL-ILE-PRO-ALA
3 non-polymer (2R)-2-[[6-[(2-chloranyl-3-cyano-pyridin-4-yl)amino]-2-oxidanylidene-1H-quinolin-4-yl]amino]-N-methyl-propanamide
4 non-polymer 1,2-ETHANEDIOL
5 non-polymer 'DIMETHYL SULFOXIDE'
6 water water
#
loop_
_entity_poly.entity_id
_entity_poly.type
_entity_poly.pdbx_seq_one_letter_code
_entity_poly.pdbx_strand_id
1 'polypeptide(L)'
;GPGADSCIQFTRHASDVLLNLNRLRSRDILTDVVIVVSREQFRAHKTVLMACSGLFYSIFTDQLKCNLSVINLDPEINPE
GFCILLDFMYTSRLNLREGNIMAVMATAMYLQMEHVVDTCRKFIKASE
;
A
2 'polypeptide(L)' AWVIPA B
#
# COMPACT_ATOMS: atom_id res chain seq x y z
N ALA A 4 9.13 11.52 25.84
CA ALA A 4 8.51 11.88 27.11
C ALA A 4 7.05 11.40 27.21
N ASP A 5 6.55 11.28 28.45
CA ASP A 5 5.19 10.85 28.77
C ASP A 5 4.20 12.03 28.76
N SER A 6 4.73 13.27 28.66
CA SER A 6 3.95 14.50 28.69
C SER A 6 3.57 15.06 27.29
N CYS A 7 3.77 14.29 26.21
CA CYS A 7 3.46 14.73 24.85
CA CYS A 7 3.45 14.75 24.86
C CYS A 7 1.95 15.00 24.66
N ILE A 8 1.60 15.89 23.72
CA ILE A 8 0.22 16.15 23.28
C ILE A 8 0.23 15.49 21.88
N GLN A 9 -0.93 15.16 21.34
CA GLN A 9 -1.00 14.47 20.04
C GLN A 9 -1.97 15.17 19.08
N PHE A 10 -1.56 15.39 17.82
N PHE A 10 -1.62 15.19 17.79
CA PHE A 10 -2.43 16.03 16.83
CA PHE A 10 -2.42 15.79 16.73
C PHE A 10 -3.10 14.88 16.07
C PHE A 10 -3.13 14.67 15.99
N THR A 11 -4.40 14.70 16.33
N THR A 11 -4.42 14.52 16.28
CA THR A 11 -5.21 13.58 15.82
CA THR A 11 -5.29 13.45 15.77
C THR A 11 -5.09 13.34 14.29
C THR A 11 -5.33 13.30 14.25
N ARG A 12 -5.23 14.41 13.49
CA ARG A 12 -5.25 14.30 12.02
C ARG A 12 -3.89 14.25 11.36
N HIS A 13 -2.77 14.34 12.13
CA HIS A 13 -1.46 14.41 11.53
C HIS A 13 -1.13 13.24 10.60
N ALA A 14 -1.33 11.98 11.06
CA ALA A 14 -0.94 10.84 10.24
C ALA A 14 -1.73 10.79 8.91
N SER A 15 -3.04 11.08 8.95
N SER A 15 -3.04 11.10 8.95
N SER A 15 -3.04 11.10 8.95
CA SER A 15 -3.84 11.09 7.72
CA SER A 15 -3.89 11.11 7.75
CA SER A 15 -3.90 11.13 7.77
C SER A 15 -3.38 12.21 6.77
C SER A 15 -3.43 12.23 6.79
C SER A 15 -3.47 12.24 6.80
N ASP A 16 -3.05 13.40 7.34
CA ASP A 16 -2.58 14.55 6.52
C ASP A 16 -1.21 14.23 5.88
N VAL A 17 -0.33 13.51 6.60
CA VAL A 17 0.95 13.06 6.03
C VAL A 17 0.68 12.11 4.84
N LEU A 18 -0.20 11.14 5.02
CA LEU A 18 -0.49 10.17 3.95
C LEU A 18 -1.09 10.87 2.72
N LEU A 19 -2.00 11.84 2.92
CA LEU A 19 -2.60 12.63 1.84
C LEU A 19 -1.49 13.31 1.05
N ASN A 20 -0.49 13.89 1.72
CA ASN A 20 0.61 14.55 1.00
C ASN A 20 1.51 13.56 0.28
N LEU A 21 1.76 12.40 0.89
CA LEU A 21 2.56 11.39 0.18
C LEU A 21 1.82 10.96 -1.11
N ASN A 22 0.48 10.84 -1.06
CA ASN A 22 -0.26 10.49 -2.28
C ASN A 22 -0.19 11.62 -3.32
N ARG A 23 -0.20 12.90 -2.88
CA ARG A 23 -0.06 14.05 -3.81
C ARG A 23 1.32 14.00 -4.46
N LEU A 24 2.39 13.66 -3.69
CA LEU A 24 3.74 13.53 -4.28
C LEU A 24 3.72 12.39 -5.30
N ARG A 25 3.09 11.24 -4.98
CA ARG A 25 3.00 10.15 -5.96
C ARG A 25 2.28 10.60 -7.26
N SER A 26 1.12 11.26 -7.13
N SER A 26 1.14 11.29 -7.12
CA SER A 26 0.37 11.70 -8.32
CA SER A 26 0.33 11.80 -8.24
C SER A 26 1.18 12.64 -9.22
C SER A 26 1.10 12.73 -9.18
N ARG A 27 2.06 13.47 -8.62
CA ARG A 27 2.90 14.44 -9.35
C ARG A 27 4.27 13.87 -9.71
N ASP A 28 4.51 12.60 -9.33
CA ASP A 28 5.75 11.88 -9.58
C ASP A 28 6.96 12.57 -8.92
N ILE A 29 6.77 13.08 -7.69
CA ILE A 29 7.83 13.76 -6.95
C ILE A 29 8.51 12.77 -6.02
N LEU A 30 9.83 12.63 -6.20
CA LEU A 30 10.73 11.81 -5.38
C LEU A 30 10.35 10.32 -5.39
N THR A 31 9.59 9.85 -6.39
CA THR A 31 9.34 8.42 -6.59
C THR A 31 10.68 7.81 -6.95
N ASP A 32 10.97 6.64 -6.39
CA ASP A 32 12.31 6.03 -6.56
C ASP A 32 12.26 4.58 -6.98
N VAL A 33 11.11 4.09 -7.39
CA VAL A 33 11.00 2.72 -7.87
C VAL A 33 9.84 2.61 -8.84
N VAL A 34 9.98 1.71 -9.81
CA VAL A 34 8.90 1.33 -10.73
C VAL A 34 8.60 -0.13 -10.43
N ILE A 35 7.34 -0.44 -10.14
CA ILE A 35 6.87 -1.82 -9.95
C ILE A 35 6.25 -2.23 -11.27
N VAL A 36 6.74 -3.34 -11.84
CA VAL A 36 6.26 -3.83 -13.13
C VAL A 36 5.37 -5.05 -12.89
N VAL A 37 4.12 -5.00 -13.40
CA VAL A 37 3.13 -6.07 -13.21
C VAL A 37 2.62 -6.39 -14.63
N SER A 38 3.26 -7.38 -15.24
N SER A 38 3.16 -7.45 -15.23
CA SER A 38 2.99 -7.74 -16.62
CA SER A 38 2.73 -7.88 -16.56
C SER A 38 3.34 -6.55 -17.50
C SER A 38 2.75 -6.77 -17.57
N ARG A 39 2.44 -6.12 -18.35
N ARG A 39 3.86 -6.04 -17.61
CA ARG A 39 2.77 -4.96 -19.17
CA ARG A 39 4.12 -4.92 -18.51
C ARG A 39 2.92 -3.63 -18.39
C ARG A 39 3.36 -3.61 -18.21
N GLU A 40 2.04 -3.45 -17.40
N GLU A 40 2.67 -3.56 -17.07
CA GLU A 40 1.93 -2.23 -16.62
CA GLU A 40 2.01 -2.34 -16.61
C GLU A 40 3.06 -1.82 -15.68
C GLU A 40 3.00 -1.81 -15.57
N GLN A 41 3.26 -0.51 -15.56
CA GLN A 41 4.29 0.05 -14.68
C GLN A 41 3.66 0.99 -13.70
N PHE A 42 4.09 0.93 -12.43
CA PHE A 42 3.56 1.78 -11.37
C PHE A 42 4.71 2.44 -10.64
N ARG A 43 4.73 3.78 -10.59
CA ARG A 43 5.80 4.48 -9.89
C ARG A 43 5.40 4.67 -8.43
N ALA A 44 6.36 4.54 -7.52
CA ALA A 44 6.03 4.69 -6.09
C ALA A 44 7.25 5.10 -5.29
N HIS A 45 7.05 5.26 -3.97
CA HIS A 45 8.12 5.55 -3.01
C HIS A 45 8.41 4.23 -2.28
N LYS A 46 9.68 3.80 -2.26
CA LYS A 46 10.05 2.56 -1.56
C LYS A 46 9.59 2.56 -0.10
N THR A 47 9.73 3.69 0.59
CA THR A 47 9.37 3.75 2.01
C THR A 47 7.91 3.50 2.23
N VAL A 48 7.03 4.01 1.35
CA VAL A 48 5.59 3.75 1.56
C VAL A 48 5.28 2.26 1.33
N LEU A 49 5.86 1.68 0.25
CA LEU A 49 5.63 0.26 -0.03
C LEU A 49 6.07 -0.63 1.12
N MET A 50 7.27 -0.34 1.72
CA MET A 50 7.80 -1.10 2.86
C MET A 50 6.91 -0.96 4.07
N ALA A 51 6.35 0.24 4.28
CA ALA A 51 5.51 0.56 5.44
C ALA A 51 4.14 -0.16 5.37
N CYS A 52 3.75 -0.63 4.17
CA CYS A 52 2.43 -1.25 3.96
C CYS A 52 2.42 -2.72 3.65
N SER A 53 3.57 -3.29 3.26
CA SER A 53 3.58 -4.65 2.72
C SER A 53 4.76 -5.48 3.26
N GLY A 54 4.49 -6.71 3.71
CA GLY A 54 5.56 -7.60 4.17
C GLY A 54 6.52 -7.98 3.06
N LEU A 55 6.00 -8.11 1.83
CA LEU A 55 6.86 -8.44 0.67
C LEU A 55 7.81 -7.29 0.38
N PHE A 56 7.29 -6.06 0.26
CA PHE A 56 8.19 -4.94 -0.03
C PHE A 56 9.15 -4.64 1.14
N TYR A 57 8.71 -4.88 2.38
CA TYR A 57 9.60 -4.68 3.54
C TYR A 57 10.80 -5.63 3.37
N SER A 58 10.55 -6.91 2.99
CA SER A 58 11.64 -7.86 2.78
C SER A 58 12.54 -7.49 1.60
N ILE A 59 11.94 -7.04 0.50
CA ILE A 59 12.70 -6.67 -0.70
C ILE A 59 13.60 -5.50 -0.44
N PHE A 60 13.05 -4.42 0.09
CA PHE A 60 13.86 -3.20 0.22
C PHE A 60 14.78 -3.17 1.44
N THR A 61 14.77 -4.21 2.30
CA THR A 61 15.76 -4.29 3.39
C THR A 61 16.88 -5.27 2.95
N ASP A 62 16.77 -5.89 1.76
CA ASP A 62 17.80 -6.78 1.25
C ASP A 62 18.93 -5.87 0.74
N GLN A 63 20.20 -6.16 1.10
N GLN A 63 20.18 -6.20 1.03
CA GLN A 63 21.35 -5.33 0.73
CA GLN A 63 21.30 -5.35 0.69
C GLN A 63 21.49 -5.09 -0.77
C GLN A 63 21.42 -5.07 -0.79
N LEU A 64 21.12 -6.08 -1.60
CA LEU A 64 21.22 -5.97 -3.07
C LEU A 64 19.95 -5.33 -3.65
N LYS A 65 18.76 -5.82 -3.28
CA LYS A 65 17.52 -5.34 -3.89
C LYS A 65 17.14 -3.93 -3.48
N CYS A 66 17.63 -3.46 -2.31
CA CYS A 66 17.35 -2.08 -1.86
C CYS A 66 17.78 -1.03 -2.89
N ASN A 67 18.80 -1.34 -3.72
CA ASN A 67 19.33 -0.41 -4.73
C ASN A 67 18.67 -0.49 -6.10
N LEU A 68 17.79 -1.47 -6.34
CA LEU A 68 17.16 -1.59 -7.65
C LEU A 68 16.12 -0.49 -7.87
N SER A 69 16.02 0.02 -9.13
CA SER A 69 15.06 1.05 -9.51
CA SER A 69 15.03 1.05 -9.44
C SER A 69 13.81 0.42 -10.14
N VAL A 70 13.85 -0.88 -10.44
CA VAL A 70 12.75 -1.61 -11.09
C VAL A 70 12.57 -2.94 -10.38
N ILE A 71 11.32 -3.27 -10.02
CA ILE A 71 11.00 -4.57 -9.40
C ILE A 71 9.91 -5.22 -10.25
N ASN A 72 10.16 -6.46 -10.73
CA ASN A 72 9.16 -7.19 -11.52
C ASN A 72 8.41 -8.15 -10.63
N LEU A 73 7.07 -8.03 -10.57
CA LEU A 73 6.29 -8.96 -9.77
C LEU A 73 5.99 -10.24 -10.56
N ASP A 74 5.54 -11.27 -9.84
CA ASP A 74 5.23 -12.59 -10.43
C ASP A 74 4.20 -12.40 -11.59
N PRO A 75 4.37 -13.05 -12.76
CA PRO A 75 3.39 -12.87 -13.87
C PRO A 75 1.96 -13.23 -13.56
N GLU A 76 1.69 -14.00 -12.50
CA GLU A 76 0.32 -14.38 -12.14
C GLU A 76 -0.40 -13.20 -11.47
N ILE A 77 0.35 -12.16 -11.05
CA ILE A 77 -0.30 -11.03 -10.38
C ILE A 77 -1.07 -10.16 -11.34
N ASN A 78 -2.32 -9.86 -10.97
CA ASN A 78 -3.24 -9.02 -11.75
C ASN A 78 -2.89 -7.51 -11.60
N PRO A 79 -2.63 -6.79 -12.72
CA PRO A 79 -2.31 -5.35 -12.61
C PRO A 79 -3.41 -4.52 -11.96
N GLU A 80 -4.69 -4.82 -12.25
CA GLU A 80 -5.77 -4.05 -11.61
C GLU A 80 -5.77 -4.30 -10.08
N GLY A 81 -5.59 -5.56 -9.65
CA GLY A 81 -5.54 -5.86 -8.22
C GLY A 81 -4.39 -5.10 -7.57
N PHE A 82 -3.20 -5.08 -8.23
CA PHE A 82 -2.06 -4.33 -7.70
C PHE A 82 -2.40 -2.83 -7.60
N CYS A 83 -2.99 -2.27 -8.65
CA CYS A 83 -3.35 -0.84 -8.68
C CYS A 83 -4.28 -0.47 -7.52
N ILE A 84 -5.29 -1.32 -7.27
CA ILE A 84 -6.22 -1.11 -6.15
C ILE A 84 -5.48 -1.11 -4.79
N LEU A 85 -4.56 -2.05 -4.62
CA LEU A 85 -3.78 -2.16 -3.37
C LEU A 85 -2.78 -1.02 -3.24
N LEU A 86 -2.17 -0.57 -4.35
CA LEU A 86 -1.27 0.60 -4.29
C LEU A 86 -2.06 1.85 -3.88
N ASP A 87 -3.28 2.05 -4.43
CA ASP A 87 -4.13 3.16 -4.01
C ASP A 87 -4.47 3.07 -2.52
N PHE A 88 -4.77 1.87 -2.03
CA PHE A 88 -5.08 1.66 -0.61
C PHE A 88 -3.84 2.04 0.25
N MET A 89 -2.63 1.61 -0.16
CA MET A 89 -1.44 1.95 0.61
C MET A 89 -1.35 3.46 0.85
N TYR A 90 -1.61 4.26 -0.20
CA TYR A 90 -1.47 5.72 -0.13
C TYR A 90 -2.72 6.48 0.32
N THR A 91 -3.84 5.78 0.57
CA THR A 91 -5.07 6.49 0.98
C THR A 91 -5.86 5.90 2.13
N SER A 92 -5.62 4.63 2.52
N SER A 92 -5.62 4.62 2.46
CA SER A 92 -6.42 3.87 3.51
CA SER A 92 -6.33 3.80 3.46
C SER A 92 -7.79 3.44 2.93
C SER A 92 -7.71 3.33 2.94
N ARG A 93 -8.06 3.73 1.64
N ARG A 93 -8.07 3.70 1.68
CA ARG A 93 -9.33 3.42 0.96
CA ARG A 93 -9.36 3.31 1.10
C ARG A 93 -9.14 2.22 0.02
C ARG A 93 -9.15 2.22 0.07
N LEU A 94 -9.95 1.16 0.20
CA LEU A 94 -9.86 -0.05 -0.62
C LEU A 94 -11.11 -0.17 -1.47
N ASN A 95 -10.92 -0.13 -2.79
CA ASN A 95 -12.03 -0.22 -3.75
C ASN A 95 -12.38 -1.68 -4.03
N LEU A 96 -13.06 -2.32 -3.06
CA LEU A 96 -13.42 -3.74 -3.14
C LEU A 96 -14.79 -3.89 -3.80
N ARG A 97 -14.84 -4.66 -4.88
CA ARG A 97 -16.07 -4.88 -5.66
C ARG A 97 -16.19 -6.36 -5.98
N GLU A 98 -17.42 -6.84 -6.24
CA GLU A 98 -17.65 -8.26 -6.60
C GLU A 98 -16.72 -8.73 -7.74
N GLY A 99 -16.53 -7.87 -8.74
CA GLY A 99 -15.71 -8.20 -9.91
C GLY A 99 -14.20 -8.14 -9.71
N ASN A 100 -13.73 -7.60 -8.56
CA ASN A 100 -12.28 -7.53 -8.35
C ASN A 100 -11.82 -8.23 -7.07
N ILE A 101 -12.76 -8.67 -6.21
CA ILE A 101 -12.35 -9.19 -4.89
C ILE A 101 -11.38 -10.39 -4.93
N MET A 102 -11.57 -11.34 -5.86
CA MET A 102 -10.67 -12.48 -5.91
C MET A 102 -9.25 -12.05 -6.27
N ALA A 103 -9.12 -11.15 -7.26
CA ALA A 103 -7.80 -10.64 -7.68
C ALA A 103 -7.16 -9.80 -6.55
N VAL A 104 -7.98 -8.99 -5.84
CA VAL A 104 -7.45 -8.18 -4.74
C VAL A 104 -6.94 -9.06 -3.61
N MET A 105 -7.73 -10.08 -3.22
CA MET A 105 -7.28 -10.97 -2.16
C MET A 105 -6.02 -11.73 -2.55
N ALA A 106 -5.95 -12.27 -3.78
CA ALA A 106 -4.74 -13.00 -4.21
C ALA A 106 -3.52 -12.06 -4.19
N THR A 107 -3.71 -10.81 -4.63
CA THR A 107 -2.61 -9.84 -4.64
C THR A 107 -2.16 -9.49 -3.20
N ALA A 108 -3.13 -9.28 -2.28
CA ALA A 108 -2.82 -8.94 -0.88
C ALA A 108 -2.09 -10.10 -0.20
N MET A 109 -2.43 -11.36 -0.56
CA MET A 109 -1.72 -12.54 0.00
C MET A 109 -0.26 -12.51 -0.45
N TYR A 110 -0.03 -12.27 -1.72
CA TYR A 110 1.32 -12.18 -2.30
C TYR A 110 2.12 -11.04 -1.71
N LEU A 111 1.46 -9.91 -1.54
CA LEU A 111 2.08 -8.72 -0.98
C LEU A 111 2.26 -8.73 0.54
N GLN A 112 1.67 -9.71 1.20
CA GLN A 112 1.68 -9.89 2.64
C GLN A 112 1.06 -8.71 3.36
N MET A 113 -0.19 -8.44 3.01
CA MET A 113 -0.98 -7.40 3.62
C MET A 113 -2.13 -8.13 4.31
N GLU A 114 -1.91 -8.52 5.55
CA GLU A 114 -2.85 -9.34 6.33
C GLU A 114 -4.21 -8.76 6.63
N HIS A 115 -4.29 -7.49 6.95
CA HIS A 115 -5.59 -6.88 7.21
C HIS A 115 -6.47 -6.90 5.97
N VAL A 116 -5.91 -6.61 4.81
CA VAL A 116 -6.67 -6.64 3.56
C VAL A 116 -7.15 -8.08 3.29
N VAL A 117 -6.25 -9.07 3.43
CA VAL A 117 -6.64 -10.47 3.24
C VAL A 117 -7.82 -10.85 4.14
N ASP A 118 -7.79 -10.40 5.41
N ASP A 118 -7.71 -10.58 5.46
CA ASP A 118 -8.87 -10.64 6.38
CA ASP A 118 -8.74 -10.92 6.45
C ASP A 118 -10.21 -10.06 5.92
C ASP A 118 -10.09 -10.28 6.12
N THR A 119 -10.26 -8.76 5.53
N THR A 119 -10.08 -9.06 5.57
CA THR A 119 -11.54 -8.19 5.07
CA THR A 119 -11.31 -8.34 5.18
C THR A 119 -12.02 -8.85 3.79
C THR A 119 -11.91 -8.98 3.94
N CYS A 120 -11.10 -9.28 2.90
CA CYS A 120 -11.53 -9.97 1.67
C CYS A 120 -12.20 -11.29 2.04
N ARG A 121 -11.58 -12.07 2.96
N ARG A 121 -11.57 -12.08 2.95
CA ARG A 121 -12.07 -13.36 3.44
CA ARG A 121 -12.14 -13.37 3.37
C ARG A 121 -13.46 -13.27 4.09
C ARG A 121 -13.54 -13.19 3.96
N LYS A 122 -13.73 -12.16 4.81
CA LYS A 122 -15.03 -11.90 5.45
C LYS A 122 -16.11 -11.53 4.42
N PHE A 123 -15.76 -10.69 3.40
CA PHE A 123 -16.70 -10.30 2.34
C PHE A 123 -17.09 -11.50 1.46
N ILE A 124 -16.14 -12.39 1.17
CA ILE A 124 -16.39 -13.61 0.39
C ILE A 124 -17.31 -14.56 1.16
N LYS A 125 -16.98 -14.82 2.44
CA LYS A 125 -17.74 -15.69 3.33
C LYS A 125 -19.20 -15.21 3.44
N ALA A 126 -19.43 -13.89 3.48
CA ALA A 126 -20.79 -13.31 3.55
C ALA A 126 -21.62 -13.63 2.28
N SER A 127 -20.96 -13.74 1.12
CA SER A 127 -21.63 -13.99 -0.15
C SER A 127 -21.92 -15.48 -0.43
N GLU A 128 -21.30 -16.39 0.35
CA GLU A 128 -21.47 -17.84 0.19
C GLU A 128 -22.65 -18.33 1.01
CA ALA B 1 -7.14 19.14 16.96
C ALA B 1 -6.09 18.36 17.77
N TRP B 2 -5.74 18.86 18.95
N TRP B 2 -5.71 18.88 18.93
CA TRP B 2 -4.75 18.32 19.86
CA TRP B 2 -4.77 18.20 19.81
C TRP B 2 -5.42 17.63 21.06
C TRP B 2 -5.54 17.48 20.89
N VAL B 3 -4.90 16.49 21.48
CA VAL B 3 -5.46 15.71 22.59
C VAL B 3 -4.40 15.12 23.49
N ILE B 4 -4.81 14.58 24.64
CA ILE B 4 -3.88 13.91 25.53
C ILE B 4 -3.97 12.46 25.08
N PRO B 5 -2.88 11.90 24.53
CA PRO B 5 -2.97 10.54 24.02
C PRO B 5 -3.06 9.44 25.07
N ALA B 6 -3.76 8.38 24.74
#